data_5H8N
#
_entry.id   5H8N
#
_cell.length_a   54.655
_cell.length_b   89.791
_cell.length_c   124.695
_cell.angle_alpha   90.00
_cell.angle_beta   90.00
_cell.angle_gamma   90.00
#
_symmetry.space_group_name_H-M   'P 21 21 21'
#
loop_
_entity.id
_entity.type
_entity.pdbx_description
1 polymer 'Glutamate receptor ionotropic, NMDA 2A,Glutamate receptor ionotropic, NMDA 2A'
2 polymer 'Glutamate receptor ionotropic, NMDA 1,Glutamate receptor ionotropic, NMDA 1'
3 non-polymer 'GLUTAMIC ACID'
4 non-polymer 4-[[(4-fluorophenyl)sulfonylamino]methyl]-~{N}-(pyridin-3-ylmethyl)benzamide
5 non-polymer 'CALCIUM ION'
6 non-polymer GLYCINE
7 water water
#
loop_
_entity_poly.entity_id
_entity_poly.type
_entity_poly.pdbx_seq_one_letter_code
_entity_poly.pdbx_strand_id
1 'polypeptide(L)'
;GSPDDNHLSIVTLEEAPFVIVEDIDPLTETCVRNTVPCRKFVKINNSTNEGMNVKKCCKGFCIDILKKLSRTVKFTYDLY
LVTNGKHGKKVNNVWNGMIGEVVYQRAVMAVGSLTINEERSEVVDFSVPFVETGISVMVSRGTQVTGLSDKKFQRPHDYS
PPFRFGTVPNGSTERNIRNNYPYMHQYMTKFNQKGVEDALVSLKTGKLDAFIYDAAVLNYKAGRDEGCKLVTIGSGYIFA
TTGYGIALQKGSPWKRQIDLALLQFVGDGEMEELETLWLTGICHN
;
A
2 'polypeptide(L)'
;GSMSTRLKIVTIHQEPFVYVKPTLSDGTCKEEFTVNGDPVKKVICTGPNDTSPGSPRHTVPQCCYGFCIDLLIKLARTMN
FTYEVHLVADGKFGTQERVNNSNKKEWNGMMGELLSGQADMIVAPLTINNERAQYIEFSKPFKYQGLTILVKKGTRITGI
NDPRLRNPSDKFIYATVKQSSVDIYFRRQVELSTMYRHMEKHNYESAAEAIQAVRDNKLHAFIWDSAVLEFEASQKCDLV
TTGELFFRSGFGIGMRKDSPWKQNVSLSILKSHENGFMEDLDKTWVRYQECDS
;
B
#
# COMPACT_ATOMS: atom_id res chain seq x y z
N ASN A 6 26.10 -3.00 -15.10
CA ASN A 6 26.06 -1.64 -14.53
C ASN A 6 25.36 -0.64 -15.47
N HIS A 7 25.42 -0.86 -16.80
CA HIS A 7 24.74 0.00 -17.77
C HIS A 7 23.48 -0.72 -18.22
N LEU A 8 22.34 -0.30 -17.67
CA LEU A 8 21.08 -1.00 -17.84
C LEU A 8 20.07 -0.38 -18.79
N SER A 9 19.46 -1.22 -19.62
CA SER A 9 18.39 -0.79 -20.53
C SER A 9 17.08 -0.65 -19.68
N ILE A 10 16.45 0.53 -19.72
CA ILE A 10 15.21 0.79 -18.96
C ILE A 10 14.06 1.28 -19.85
N VAL A 11 12.89 0.68 -19.70
CA VAL A 11 11.71 1.07 -20.47
C VAL A 11 10.78 1.92 -19.62
N THR A 12 10.09 2.87 -20.28
CA THR A 12 9.12 3.77 -19.68
C THR A 12 7.97 4.07 -20.69
N LEU A 13 6.96 4.84 -20.24
CA LEU A 13 5.76 5.22 -20.99
C LEU A 13 5.24 6.57 -20.49
N GLU A 14 4.75 7.42 -21.39
CA GLU A 14 4.18 8.71 -20.99
C GLU A 14 2.82 8.55 -20.34
N GLU A 15 2.71 9.07 -19.11
CA GLU A 15 1.52 9.17 -18.26
C GLU A 15 1.82 10.24 -17.20
N ALA A 16 1.39 11.48 -17.46
CA ALA A 16 1.59 12.62 -16.58
C ALA A 16 0.83 12.43 -15.27
N PRO A 17 1.39 12.85 -14.10
CA PRO A 17 2.69 13.54 -13.88
C PRO A 17 3.88 12.59 -13.58
N PHE A 18 3.67 11.28 -13.77
CA PHE A 18 4.64 10.24 -13.48
C PHE A 18 5.78 10.24 -14.47
N VAL A 19 5.44 10.35 -15.76
CA VAL A 19 6.37 10.42 -16.88
C VAL A 19 5.79 11.42 -17.89
N ILE A 20 6.56 12.48 -18.17
CA ILE A 20 6.21 13.57 -19.11
C ILE A 20 7.30 13.59 -20.19
N VAL A 21 6.88 13.56 -21.46
CA VAL A 21 7.79 13.53 -22.61
C VAL A 21 7.84 14.91 -23.26
N GLU A 22 9.06 15.35 -23.58
CA GLU A 22 9.26 16.65 -24.22
C GLU A 22 10.23 16.57 -25.37
N ASP A 23 10.25 17.62 -26.19
CA ASP A 23 11.14 17.75 -27.32
C ASP A 23 12.46 18.25 -26.78
N ILE A 24 13.56 17.83 -27.42
CA ILE A 24 14.90 18.24 -27.07
C ILE A 24 15.04 19.75 -27.39
N ASP A 25 15.67 20.53 -26.48
CA ASP A 25 15.83 21.98 -26.64
C ASP A 25 16.92 22.31 -27.68
N PRO A 26 16.88 23.48 -28.38
CA PRO A 26 17.95 23.79 -29.35
C PRO A 26 19.16 24.48 -28.72
N GLU A 29 22.30 21.51 -28.00
CA GLU A 29 20.91 21.30 -28.39
C GLU A 29 20.38 19.95 -27.79
N THR A 30 20.40 19.82 -26.44
CA THR A 30 20.03 18.58 -25.74
C THR A 30 18.99 18.75 -24.59
N CYS A 31 18.96 17.78 -23.65
CA CYS A 31 18.04 17.73 -22.51
C CYS A 31 18.53 18.58 -21.35
N VAL A 32 17.72 19.56 -20.95
CA VAL A 32 18.08 20.54 -19.91
C VAL A 32 17.35 20.36 -18.58
N ARG A 33 17.97 20.88 -17.51
CA ARG A 33 17.47 20.98 -16.13
C ARG A 33 17.07 19.65 -15.49
N ASN A 34 15.81 19.55 -14.99
CA ASN A 34 15.25 18.38 -14.30
C ASN A 34 14.91 17.19 -15.23
N THR A 35 15.25 17.31 -16.54
CA THR A 35 14.96 16.28 -17.54
C THR A 35 16.13 15.34 -17.80
N VAL A 36 15.83 14.11 -18.23
CA VAL A 36 16.83 13.11 -18.60
C VAL A 36 16.60 12.69 -20.06
N PRO A 37 17.64 12.23 -20.79
CA PRO A 37 17.41 11.74 -22.15
C PRO A 37 16.61 10.43 -22.23
N CYS A 38 15.61 10.40 -23.11
CA CYS A 38 14.86 9.19 -23.42
C CYS A 38 14.76 9.04 -24.93
N ARG A 39 14.67 7.82 -25.41
CA ARG A 39 14.59 7.67 -26.85
C ARG A 39 13.31 6.99 -27.25
N LYS A 40 12.73 7.45 -28.36
CA LYS A 40 11.50 6.88 -28.86
C LYS A 40 11.75 6.42 -30.29
N PHE A 41 11.56 5.12 -30.57
CA PHE A 41 11.68 4.55 -31.92
C PHE A 41 10.43 4.99 -32.70
N VAL A 42 10.61 5.74 -33.79
CA VAL A 42 9.57 6.29 -34.64
C VAL A 42 9.73 5.73 -36.05
N LYS A 43 8.67 5.09 -36.57
CA LYS A 43 8.68 4.45 -37.89
C LYS A 43 8.72 5.42 -39.03
N ILE A 44 9.41 5.01 -40.10
CA ILE A 44 9.59 5.79 -41.32
C ILE A 44 8.25 5.83 -42.07
N ASN A 45 7.65 4.64 -42.28
CA ASN A 45 6.37 4.41 -42.90
C ASN A 45 5.81 3.04 -42.43
N ASN A 46 4.59 2.68 -42.83
CA ASN A 46 3.94 1.43 -42.42
C ASN A 46 4.12 0.28 -43.43
N SER A 47 4.95 0.50 -44.46
CA SER A 47 5.29 -0.51 -45.47
C SER A 47 6.78 -0.82 -45.34
N THR A 48 7.28 -0.79 -44.07
CA THR A 48 8.67 -1.04 -43.68
C THR A 48 8.73 -1.32 -42.17
N ASN A 49 9.83 -1.93 -41.70
CA ASN A 49 10.09 -2.21 -40.29
C ASN A 49 11.18 -1.26 -39.78
N GLU A 50 11.66 -0.40 -40.71
CA GLU A 50 12.68 0.61 -40.49
C GLU A 50 12.09 1.77 -39.65
N GLY A 51 12.95 2.41 -38.86
CA GLY A 51 12.61 3.52 -37.98
C GLY A 51 13.81 4.26 -37.45
N MET A 52 13.56 5.37 -36.73
CA MET A 52 14.60 6.21 -36.16
C MET A 52 14.37 6.37 -34.68
N ASN A 53 15.45 6.42 -33.88
CA ASN A 53 15.35 6.69 -32.44
C ASN A 53 15.43 8.18 -32.21
N VAL A 54 14.28 8.83 -32.07
CA VAL A 54 14.20 10.26 -31.83
C VAL A 54 14.64 10.56 -30.39
N LYS A 55 15.58 11.50 -30.23
CA LYS A 55 16.03 11.92 -28.91
C LYS A 55 14.94 12.78 -28.29
N LYS A 56 14.43 12.35 -27.14
CA LYS A 56 13.40 13.08 -26.42
C LYS A 56 13.85 13.28 -24.98
N CYS A 57 13.11 14.09 -24.22
CA CYS A 57 13.45 14.34 -22.84
C CYS A 57 12.32 13.90 -21.93
N CYS A 58 12.68 13.34 -20.79
CA CYS A 58 11.73 12.79 -19.84
C CYS A 58 11.86 13.41 -18.45
N LYS A 59 10.73 13.64 -17.80
CA LYS A 59 10.66 14.16 -16.43
C LYS A 59 9.43 13.59 -15.70
N GLY A 60 9.28 13.93 -14.43
CA GLY A 60 8.16 13.50 -13.60
C GLY A 60 8.58 12.74 -12.37
N PHE A 61 7.57 12.41 -11.56
CA PHE A 61 7.70 11.69 -10.32
C PHE A 61 8.53 10.40 -10.46
N CYS A 62 8.18 9.55 -11.46
CA CYS A 62 8.89 8.29 -11.72
C CYS A 62 10.30 8.49 -12.24
N ILE A 63 10.55 9.59 -12.98
CA ILE A 63 11.89 9.89 -13.52
C ILE A 63 12.82 10.32 -12.37
N ASP A 64 12.31 11.12 -11.43
CA ASP A 64 13.03 11.54 -10.22
C ASP A 64 13.41 10.35 -9.32
N ILE A 65 12.52 9.32 -9.25
CA ILE A 65 12.79 8.10 -8.50
C ILE A 65 13.95 7.37 -9.16
N LEU A 66 13.91 7.28 -10.52
CA LEU A 66 14.96 6.64 -11.33
C LEU A 66 16.31 7.34 -11.12
N LYS A 67 16.33 8.68 -11.04
CA LYS A 67 17.57 9.44 -10.77
C LYS A 67 18.15 9.05 -9.40
N LYS A 68 17.30 9.07 -8.36
CA LYS A 68 17.71 8.70 -6.99
C LYS A 68 18.23 7.26 -6.93
N LEU A 69 17.53 6.32 -7.61
CA LEU A 69 17.93 4.90 -7.67
C LEU A 69 19.28 4.75 -8.37
N SER A 70 19.48 5.50 -9.46
CA SER A 70 20.69 5.51 -10.25
C SER A 70 21.92 5.87 -9.39
N ARG A 71 21.79 6.92 -8.54
CA ARG A 71 22.90 7.35 -7.68
C ARG A 71 23.05 6.50 -6.43
N THR A 72 21.96 6.03 -5.83
CA THR A 72 21.98 5.20 -4.61
C THR A 72 22.42 3.75 -4.90
N VAL A 73 21.80 3.10 -5.89
CA VAL A 73 22.08 1.69 -6.27
C VAL A 73 23.37 1.62 -7.09
N LYS A 74 23.79 2.75 -7.67
CA LYS A 74 25.00 2.93 -8.50
C LYS A 74 24.92 2.16 -9.82
N PHE A 75 24.20 2.75 -10.78
CA PHE A 75 24.05 2.22 -12.14
C PHE A 75 23.83 3.34 -13.11
N THR A 76 24.19 3.12 -14.38
CA THR A 76 23.92 4.04 -15.48
C THR A 76 22.80 3.38 -16.30
N TYR A 77 22.14 4.16 -17.16
CA TYR A 77 21.02 3.59 -17.89
C TYR A 77 20.75 4.25 -19.21
N ASP A 78 20.11 3.51 -20.12
CA ASP A 78 19.65 4.04 -21.40
C ASP A 78 18.12 3.87 -21.39
N LEU A 79 17.43 4.99 -21.22
CA LEU A 79 15.99 5.07 -21.11
C LEU A 79 15.31 5.13 -22.45
N TYR A 80 14.35 4.23 -22.69
CA TYR A 80 13.58 4.25 -23.92
C TYR A 80 12.08 4.18 -23.62
N LEU A 81 11.27 4.64 -24.56
CA LEU A 81 9.82 4.66 -24.43
C LEU A 81 9.21 3.49 -25.21
N VAL A 82 8.31 2.71 -24.58
CA VAL A 82 7.64 1.57 -25.22
C VAL A 82 6.80 2.02 -26.42
N THR A 83 6.84 1.24 -27.51
CA THR A 83 6.09 1.49 -28.75
C THR A 83 5.14 0.32 -29.05
N ASN A 84 5.41 -0.87 -28.50
CA ASN A 84 4.65 -2.12 -28.64
C ASN A 84 3.53 -2.14 -27.58
N GLY A 85 2.49 -1.36 -27.78
CA GLY A 85 1.46 -1.28 -26.75
C GLY A 85 1.85 -0.33 -25.63
N LYS A 86 1.18 -0.45 -24.48
CA LYS A 86 1.39 0.47 -23.34
C LYS A 86 2.05 -0.17 -22.08
N HIS A 87 1.29 -0.22 -20.97
CA HIS A 87 1.67 -0.76 -19.66
C HIS A 87 1.94 -2.26 -19.75
N GLY A 88 0.97 -3.03 -20.27
CA GLY A 88 1.13 -4.47 -20.43
C GLY A 88 -0.16 -5.25 -20.51
N LYS A 89 -0.29 -6.01 -21.61
CA LYS A 89 -1.44 -6.88 -21.84
C LYS A 89 -0.96 -8.18 -22.47
N LYS A 90 -1.53 -9.29 -22.01
CA LYS A 90 -1.25 -10.64 -22.43
C LYS A 90 -2.23 -10.99 -23.56
N VAL A 91 -1.76 -10.89 -24.80
CA VAL A 91 -2.54 -11.16 -26.02
C VAL A 91 -2.04 -12.49 -26.58
N ASN A 92 -2.94 -13.51 -26.64
CA ASN A 92 -2.63 -14.88 -27.14
C ASN A 92 -1.47 -15.51 -26.38
N ASN A 93 -1.48 -15.33 -25.03
CA ASN A 93 -0.47 -15.82 -24.09
C ASN A 93 0.93 -15.19 -24.32
N VAL A 94 0.99 -14.02 -24.97
CA VAL A 94 2.21 -13.22 -25.27
C VAL A 94 2.00 -11.82 -24.68
N TRP A 95 2.99 -11.31 -23.93
CA TRP A 95 2.92 -10.01 -23.27
C TRP A 95 3.47 -8.88 -24.12
N ASN A 96 2.69 -7.81 -24.29
CA ASN A 96 3.13 -6.57 -24.93
C ASN A 96 3.43 -5.53 -23.81
N GLY A 97 3.58 -4.28 -24.21
CA GLY A 97 3.87 -3.16 -23.33
C GLY A 97 5.16 -3.30 -22.58
N MET A 98 5.30 -2.49 -21.52
CA MET A 98 6.46 -2.47 -20.61
C MET A 98 6.71 -3.84 -19.98
N ILE A 99 5.62 -4.58 -19.62
CA ILE A 99 5.70 -5.93 -19.07
C ILE A 99 6.43 -6.83 -20.08
N GLY A 100 5.95 -6.83 -21.33
CA GLY A 100 6.55 -7.59 -22.42
C GLY A 100 8.02 -7.29 -22.66
N GLU A 101 8.43 -5.99 -22.56
CA GLU A 101 9.83 -5.58 -22.76
C GLU A 101 10.74 -6.20 -21.71
N VAL A 102 10.21 -6.45 -20.50
CA VAL A 102 10.95 -7.04 -19.39
C VAL A 102 10.92 -8.58 -19.51
N VAL A 103 9.73 -9.17 -19.77
CA VAL A 103 9.54 -10.63 -19.93
C VAL A 103 10.51 -11.20 -21.01
N TYR A 104 10.55 -10.54 -22.18
CA TYR A 104 11.35 -10.93 -23.34
C TYR A 104 12.75 -10.29 -23.35
N GLN A 105 13.19 -9.81 -22.15
CA GLN A 105 14.53 -9.30 -21.84
C GLN A 105 15.09 -8.20 -22.78
N ARG A 106 14.22 -7.30 -23.26
CA ARG A 106 14.62 -6.15 -24.06
C ARG A 106 14.93 -5.02 -23.06
N ALA A 107 14.47 -5.18 -21.79
CA ALA A 107 14.74 -4.21 -20.73
C ALA A 107 15.07 -4.88 -19.40
N VAL A 108 16.00 -4.27 -18.64
CA VAL A 108 16.38 -4.75 -17.31
C VAL A 108 15.23 -4.37 -16.36
N MET A 109 14.65 -3.17 -16.55
CA MET A 109 13.54 -2.75 -15.69
C MET A 109 12.54 -1.80 -16.40
N ALA A 110 11.34 -1.71 -15.84
CA ALA A 110 10.26 -0.87 -16.34
C ALA A 110 9.93 0.13 -15.26
N VAL A 111 9.95 1.40 -15.59
CA VAL A 111 9.64 2.42 -14.61
C VAL A 111 8.51 3.32 -15.14
N GLY A 112 7.47 3.50 -14.34
CA GLY A 112 6.33 4.33 -14.72
C GLY A 112 5.10 4.09 -13.88
N SER A 113 3.94 4.42 -14.43
CA SER A 113 2.65 4.25 -13.76
C SER A 113 2.16 2.80 -14.00
N LEU A 114 3.04 1.85 -13.63
CA LEU A 114 2.87 0.42 -13.83
C LEU A 114 2.27 -0.31 -12.63
N THR A 115 0.98 -0.64 -12.72
CA THR A 115 0.23 -1.30 -11.66
C THR A 115 0.69 -2.74 -11.38
N ILE A 116 0.86 -3.03 -10.09
CA ILE A 116 1.23 -4.37 -9.61
C ILE A 116 -0.05 -5.16 -9.52
N ASN A 117 -0.09 -6.28 -10.25
CA ASN A 117 -1.23 -7.17 -10.15
C ASN A 117 -0.74 -8.62 -10.15
N GLU A 118 -1.66 -9.56 -9.89
CA GLU A 118 -1.32 -10.98 -9.79
C GLU A 118 -0.81 -11.60 -11.09
N GLU A 119 -1.51 -11.38 -12.24
CA GLU A 119 -1.07 -12.03 -13.49
C GLU A 119 0.30 -11.53 -13.98
N ARG A 120 0.61 -10.23 -13.78
CA ARG A 120 1.91 -9.66 -14.16
C ARG A 120 3.00 -10.18 -13.23
N SER A 121 2.67 -10.38 -11.91
CA SER A 121 3.64 -10.88 -10.91
C SER A 121 4.05 -12.35 -11.11
N GLU A 122 3.32 -13.07 -11.98
CA GLU A 122 3.65 -14.45 -12.33
C GLU A 122 4.80 -14.48 -13.36
N VAL A 123 4.99 -13.39 -14.13
CA VAL A 123 5.95 -13.33 -15.24
C VAL A 123 7.14 -12.36 -15.04
N VAL A 124 6.99 -11.37 -14.15
CA VAL A 124 8.04 -10.39 -13.84
C VAL A 124 8.11 -10.31 -12.31
N ASP A 125 9.21 -9.73 -11.78
CA ASP A 125 9.33 -9.44 -10.36
C ASP A 125 9.07 -7.95 -10.14
N PHE A 126 8.26 -7.60 -9.14
CA PHE A 126 7.98 -6.20 -8.83
C PHE A 126 8.68 -5.84 -7.55
N SER A 127 9.20 -4.61 -7.51
CA SER A 127 9.79 -3.99 -6.34
C SER A 127 8.65 -3.73 -5.34
N VAL A 128 8.99 -3.13 -4.19
CA VAL A 128 7.96 -2.73 -3.22
C VAL A 128 7.14 -1.63 -3.91
N PRO A 129 5.88 -1.47 -3.60
CA PRO A 129 5.11 -0.40 -4.21
C PRO A 129 5.62 0.94 -3.76
N PHE A 130 5.58 1.94 -4.61
CA PHE A 130 6.07 3.26 -4.19
C PHE A 130 4.98 4.35 -4.34
N VAL A 131 3.83 3.98 -4.89
CA VAL A 131 2.67 4.85 -5.06
C VAL A 131 1.46 3.97 -4.84
N GLU A 132 0.59 4.34 -3.88
CA GLU A 132 -0.64 3.61 -3.65
C GLU A 132 -1.61 3.90 -4.79
N THR A 133 -2.20 2.85 -5.36
CA THR A 133 -3.18 2.96 -6.43
C THR A 133 -4.23 1.83 -6.34
N GLY A 134 -4.98 1.68 -7.41
CA GLY A 134 -6.07 0.73 -7.54
C GLY A 134 -7.12 1.32 -8.44
N ILE A 135 -8.39 1.01 -8.18
CA ILE A 135 -9.47 1.51 -9.02
C ILE A 135 -10.31 2.55 -8.30
N SER A 136 -10.54 3.68 -9.01
CA SER A 136 -11.40 4.75 -8.52
C SER A 136 -12.41 5.07 -9.58
N VAL A 137 -13.46 5.80 -9.22
CA VAL A 137 -14.53 6.22 -10.15
C VAL A 137 -14.58 7.74 -10.20
N MET A 138 -14.48 8.34 -11.40
CA MET A 138 -14.58 9.79 -11.53
C MET A 138 -15.94 10.16 -12.14
N VAL A 139 -16.64 11.04 -11.41
CA VAL A 139 -17.97 11.53 -11.77
C VAL A 139 -18.00 13.09 -11.71
N SER A 140 -19.11 13.69 -12.15
CA SER A 140 -19.33 15.12 -11.96
C SER A 140 -19.82 15.25 -10.52
N ARG A 141 -19.38 16.29 -9.80
CA ARG A 141 -19.78 16.54 -8.42
C ARG A 141 -21.32 16.50 -8.29
N GLY A 142 -21.78 15.74 -7.31
CA GLY A 142 -23.20 15.55 -7.04
C GLY A 142 -23.75 14.21 -7.46
N THR A 143 -23.07 13.49 -8.40
CA THR A 143 -23.49 12.18 -8.93
C THR A 143 -23.54 11.12 -7.83
N GLN A 144 -24.68 10.43 -7.72
CA GLN A 144 -24.89 9.40 -6.72
C GLN A 144 -24.57 7.97 -7.18
N VAL A 145 -23.40 7.49 -6.83
CA VAL A 145 -22.93 6.13 -7.05
C VAL A 145 -22.19 5.67 -5.82
N THR A 146 -22.72 4.64 -5.16
CA THR A 146 -22.19 4.09 -3.91
C THR A 146 -20.75 3.63 -4.07
N GLY A 147 -20.50 2.91 -5.16
CA GLY A 147 -19.19 2.38 -5.52
C GLY A 147 -19.33 1.45 -6.72
N LEU A 148 -18.24 0.69 -7.01
CA LEU A 148 -18.24 -0.28 -8.11
C LEU A 148 -19.43 -1.23 -8.07
N SER A 149 -19.85 -1.61 -6.87
CA SER A 149 -20.98 -2.51 -6.64
C SER A 149 -22.37 -1.84 -6.75
N ASP A 150 -22.43 -0.56 -7.17
CA ASP A 150 -23.69 0.13 -7.39
C ASP A 150 -24.45 -0.58 -8.55
N LYS A 151 -25.78 -0.76 -8.42
CA LYS A 151 -26.62 -1.41 -9.43
C LYS A 151 -26.51 -0.75 -10.80
N LYS A 152 -26.32 0.59 -10.83
CA LYS A 152 -26.13 1.35 -12.09
C LYS A 152 -24.97 0.75 -12.93
N PHE A 153 -23.92 0.28 -12.23
CA PHE A 153 -22.76 -0.38 -12.82
C PHE A 153 -23.02 -1.85 -13.00
N GLN A 154 -23.48 -2.55 -11.94
CA GLN A 154 -23.68 -4.00 -11.89
C GLN A 154 -24.72 -4.54 -12.88
N ARG A 155 -25.95 -3.97 -12.86
CA ARG A 155 -27.08 -4.33 -13.72
C ARG A 155 -27.48 -3.06 -14.51
N PRO A 156 -26.63 -2.57 -15.45
CA PRO A 156 -26.95 -1.30 -16.11
C PRO A 156 -28.28 -1.17 -16.83
N HIS A 157 -28.83 -2.26 -17.38
CA HIS A 157 -30.07 -2.16 -18.14
C HIS A 157 -31.34 -2.16 -17.29
N ASP A 158 -31.22 -2.12 -15.95
CA ASP A 158 -32.33 -1.96 -15.02
C ASP A 158 -32.71 -0.46 -14.94
N TYR A 159 -31.88 0.41 -15.55
CA TYR A 159 -32.10 1.85 -15.52
C TYR A 159 -32.49 2.37 -16.88
N SER A 160 -33.47 3.28 -16.91
CA SER A 160 -33.96 3.82 -18.17
C SER A 160 -33.97 5.35 -18.19
N PRO A 161 -33.06 6.00 -18.94
CA PRO A 161 -31.95 5.44 -19.73
C PRO A 161 -30.85 4.81 -18.86
N PRO A 162 -30.00 3.90 -19.39
CA PRO A 162 -28.93 3.35 -18.55
C PRO A 162 -27.79 4.35 -18.34
N PHE A 163 -27.06 4.21 -17.24
CA PHE A 163 -25.89 5.02 -16.84
C PHE A 163 -24.73 4.79 -17.87
N ARG A 164 -24.16 5.88 -18.41
CA ARG A 164 -23.06 5.76 -19.38
C ARG A 164 -21.70 5.77 -18.65
N PHE A 165 -20.95 4.67 -18.72
CA PHE A 165 -19.65 4.63 -18.05
C PHE A 165 -18.64 3.81 -18.81
N GLY A 166 -17.40 4.22 -18.76
CA GLY A 166 -16.33 3.53 -19.45
C GLY A 166 -14.95 3.61 -18.82
N THR A 167 -13.98 3.01 -19.49
CA THR A 167 -12.58 2.99 -19.06
C THR A 167 -11.71 3.12 -20.32
N VAL A 168 -10.39 3.19 -20.12
CA VAL A 168 -9.39 3.12 -21.17
C VAL A 168 -9.07 1.61 -21.20
N PRO A 169 -9.35 0.88 -22.29
CA PRO A 169 -9.14 -0.59 -22.24
C PRO A 169 -7.66 -1.05 -22.27
N ASN A 170 -7.42 -2.34 -21.97
CA ASN A 170 -6.12 -3.05 -22.06
C ASN A 170 -5.14 -2.84 -20.90
N GLY A 171 -5.54 -2.05 -19.90
CA GLY A 171 -4.76 -1.85 -18.67
C GLY A 171 -5.24 -2.78 -17.58
N SER A 172 -4.72 -2.60 -16.36
CA SER A 172 -5.06 -3.41 -15.18
C SER A 172 -6.51 -3.22 -14.71
N THR A 173 -7.07 -2.02 -14.95
CA THR A 173 -8.45 -1.68 -14.60
C THR A 173 -9.46 -2.50 -15.40
N GLU A 174 -9.31 -2.55 -16.74
CA GLU A 174 -10.25 -3.30 -17.56
C GLU A 174 -10.15 -4.81 -17.25
N ARG A 175 -8.91 -5.31 -17.05
CA ARG A 175 -8.62 -6.69 -16.73
C ARG A 175 -9.40 -7.16 -15.47
N ASN A 176 -9.34 -6.34 -14.40
CA ASN A 176 -10.01 -6.56 -13.13
C ASN A 176 -11.50 -6.54 -13.34
N ILE A 177 -12.02 -5.56 -14.08
CA ILE A 177 -13.45 -5.46 -14.38
C ILE A 177 -13.93 -6.69 -15.12
N ARG A 178 -13.19 -7.15 -16.15
CA ARG A 178 -13.49 -8.35 -16.93
C ARG A 178 -13.63 -9.57 -16.04
N ASN A 179 -12.66 -9.78 -15.13
CA ASN A 179 -12.65 -10.91 -14.22
C ASN A 179 -13.74 -10.85 -13.15
N ASN A 180 -13.97 -9.65 -12.56
CA ASN A 180 -14.92 -9.54 -11.46
C ASN A 180 -16.37 -9.30 -11.86
N TYR A 181 -16.66 -8.49 -12.92
CA TYR A 181 -18.04 -8.12 -13.30
C TYR A 181 -18.30 -8.36 -14.78
N PRO A 182 -18.48 -9.65 -15.18
CA PRO A 182 -18.64 -9.96 -16.61
C PRO A 182 -19.70 -9.13 -17.34
N TYR A 183 -20.93 -9.03 -16.77
CA TYR A 183 -22.01 -8.26 -17.37
C TYR A 183 -21.70 -6.77 -17.52
N MET A 184 -21.22 -6.13 -16.42
CA MET A 184 -20.80 -4.73 -16.41
CA MET A 184 -20.80 -4.73 -16.41
C MET A 184 -19.76 -4.51 -17.51
N HIS A 185 -18.73 -5.40 -17.58
CA HIS A 185 -17.66 -5.33 -18.56
C HIS A 185 -18.16 -5.33 -20.00
N GLN A 186 -19.01 -6.29 -20.40
CA GLN A 186 -19.52 -6.38 -21.79
C GLN A 186 -20.40 -5.18 -22.16
N TYR A 187 -21.13 -4.60 -21.19
CA TYR A 187 -21.93 -3.39 -21.41
C TYR A 187 -21.04 -2.13 -21.61
N MET A 188 -19.97 -2.01 -20.84
CA MET A 188 -19.19 -0.79 -20.86
C MET A 188 -18.17 -0.67 -22.02
N THR A 189 -17.93 -1.73 -22.80
CA THR A 189 -16.96 -1.67 -23.91
C THR A 189 -17.37 -0.67 -25.00
N LYS A 190 -18.67 -0.40 -25.08
CA LYS A 190 -19.36 0.57 -25.93
C LYS A 190 -18.84 1.99 -25.60
N PHE A 191 -18.40 2.20 -24.31
CA PHE A 191 -17.94 3.50 -23.82
C PHE A 191 -16.43 3.59 -23.60
N ASN A 192 -15.67 2.65 -24.22
CA ASN A 192 -14.21 2.59 -24.21
C ASN A 192 -13.66 3.91 -24.70
N GLN A 193 -12.72 4.47 -23.93
CA GLN A 193 -12.10 5.77 -24.21
C GLN A 193 -10.70 5.54 -24.71
N LYS A 194 -10.19 6.43 -25.59
CA LYS A 194 -8.83 6.33 -26.12
C LYS A 194 -7.77 6.62 -25.07
N GLY A 195 -8.03 7.61 -24.23
CA GLY A 195 -7.11 8.01 -23.16
C GLY A 195 -7.80 8.81 -22.08
N VAL A 196 -7.02 9.24 -21.06
CA VAL A 196 -7.53 10.02 -19.94
C VAL A 196 -8.15 11.36 -20.40
N GLU A 197 -7.42 12.16 -21.21
CA GLU A 197 -7.87 13.45 -21.76
C GLU A 197 -9.25 13.35 -22.47
N ASP A 198 -9.45 12.32 -23.29
CA ASP A 198 -10.70 12.07 -24.00
C ASP A 198 -11.81 11.83 -22.99
N ALA A 199 -11.55 10.98 -21.98
CA ALA A 199 -12.51 10.64 -20.94
C ALA A 199 -12.97 11.87 -20.16
N LEU A 200 -12.02 12.70 -19.74
CA LEU A 200 -12.29 13.92 -18.97
C LEU A 200 -13.18 14.89 -19.74
N VAL A 201 -12.93 15.06 -21.06
CA VAL A 201 -13.70 15.92 -21.97
C VAL A 201 -15.14 15.39 -22.06
N SER A 202 -15.27 14.06 -22.18
CA SER A 202 -16.52 13.31 -22.27
C SER A 202 -17.39 13.49 -21.01
N LEU A 203 -16.77 13.48 -19.82
CA LEU A 203 -17.48 13.70 -18.55
C LEU A 203 -18.05 15.14 -18.49
N LYS A 204 -17.17 16.15 -18.59
CA LYS A 204 -17.49 17.58 -18.54
C LYS A 204 -18.55 18.05 -19.55
N THR A 205 -18.56 17.46 -20.76
CA THR A 205 -19.53 17.81 -21.80
C THR A 205 -20.81 16.95 -21.75
N GLY A 206 -20.97 16.15 -20.69
CA GLY A 206 -22.15 15.30 -20.48
C GLY A 206 -22.34 14.13 -21.42
N LYS A 207 -21.25 13.65 -22.06
CA LYS A 207 -21.28 12.50 -22.99
C LYS A 207 -21.08 11.17 -22.28
N LEU A 208 -20.66 11.24 -21.01
CA LEU A 208 -20.34 10.13 -20.14
C LEU A 208 -20.72 10.53 -18.71
N ASP A 209 -21.15 9.56 -17.89
CA ASP A 209 -21.56 9.78 -16.49
C ASP A 209 -20.47 9.42 -15.46
N ALA A 210 -19.68 8.35 -15.74
CA ALA A 210 -18.58 7.89 -14.89
C ALA A 210 -17.41 7.36 -15.72
N PHE A 211 -16.20 7.54 -15.19
CA PHE A 211 -14.97 7.06 -15.79
C PHE A 211 -14.25 6.24 -14.72
N ILE A 212 -14.06 4.95 -14.98
CA ILE A 212 -13.43 4.00 -14.07
C ILE A 212 -11.98 3.85 -14.52
N TYR A 213 -11.02 4.15 -13.61
CA TYR A 213 -9.60 4.17 -13.94
C TYR A 213 -8.67 4.15 -12.72
N ASP A 214 -7.36 4.09 -12.98
CA ASP A 214 -6.26 4.10 -12.03
C ASP A 214 -6.49 5.17 -11.00
N ALA A 215 -6.52 4.77 -9.71
CA ALA A 215 -6.78 5.65 -8.58
C ALA A 215 -5.78 6.83 -8.53
N ALA A 216 -4.47 6.57 -8.66
CA ALA A 216 -3.43 7.60 -8.58
C ALA A 216 -3.59 8.71 -9.64
N VAL A 217 -3.77 8.35 -10.92
CA VAL A 217 -4.01 9.31 -12.01
C VAL A 217 -5.38 10.05 -11.80
N LEU A 218 -6.43 9.33 -11.40
CA LEU A 218 -7.72 9.98 -11.18
C LEU A 218 -7.70 11.01 -10.07
N ASN A 219 -7.02 10.70 -8.95
CA ASN A 219 -6.88 11.63 -7.82
C ASN A 219 -5.99 12.81 -8.14
N TYR A 220 -5.03 12.62 -9.06
CA TYR A 220 -4.18 13.71 -9.53
C TYR A 220 -5.00 14.67 -10.38
N LYS A 221 -5.79 14.13 -11.32
CA LYS A 221 -6.63 14.91 -12.22
C LYS A 221 -7.75 15.61 -11.49
N ALA A 222 -8.34 14.97 -10.46
CA ALA A 222 -9.40 15.57 -9.64
C ALA A 222 -8.88 16.77 -8.86
N GLY A 223 -7.64 16.67 -8.38
CA GLY A 223 -6.99 17.72 -7.59
C GLY A 223 -6.68 19.01 -8.35
N ARG A 224 -6.42 18.90 -9.67
CA ARG A 224 -6.07 19.99 -10.59
C ARG A 224 -7.21 20.38 -11.54
N ASP A 225 -8.43 19.86 -11.30
CA ASP A 225 -9.57 20.18 -12.14
C ASP A 225 -10.11 21.63 -11.97
N GLU A 226 -10.20 22.35 -13.11
CA GLU A 226 -10.70 23.73 -13.22
C GLU A 226 -12.17 23.83 -12.74
N GLY A 227 -12.35 24.51 -11.60
CA GLY A 227 -13.63 24.70 -10.93
C GLY A 227 -13.97 23.62 -9.90
N CYS A 228 -13.15 22.55 -9.81
CA CYS A 228 -13.32 21.37 -8.94
C CYS A 228 -14.67 20.64 -9.19
N LYS A 229 -15.04 20.54 -10.48
CA LYS A 229 -16.26 19.91 -10.98
C LYS A 229 -16.21 18.39 -10.98
N LEU A 230 -15.03 17.80 -11.25
CA LEU A 230 -14.83 16.35 -11.33
C LEU A 230 -14.21 15.79 -10.09
N VAL A 231 -14.91 14.84 -9.48
CA VAL A 231 -14.50 14.23 -8.23
C VAL A 231 -14.48 12.70 -8.35
N THR A 232 -13.68 12.05 -7.49
CA THR A 232 -13.66 10.59 -7.34
C THR A 232 -14.67 10.28 -6.23
N ILE A 233 -15.43 9.19 -6.38
CA ILE A 233 -16.49 8.82 -5.42
C ILE A 233 -15.88 8.39 -4.07
N GLY A 234 -16.67 8.58 -2.99
CA GLY A 234 -16.24 8.31 -1.61
C GLY A 234 -15.26 9.40 -1.20
N SER A 235 -14.33 9.10 -0.30
CA SER A 235 -13.35 10.13 0.07
C SER A 235 -12.19 10.04 -0.91
N GLY A 236 -12.52 9.82 -2.18
CA GLY A 236 -11.54 9.50 -3.21
C GLY A 236 -11.14 8.07 -2.90
N TYR A 237 -12.15 7.20 -2.73
CA TYR A 237 -12.04 5.79 -2.35
C TYR A 237 -11.33 4.94 -3.38
N ILE A 238 -10.51 3.97 -2.92
CA ILE A 238 -9.79 3.04 -3.80
C ILE A 238 -10.31 1.60 -3.68
N PHE A 239 -10.79 0.99 -4.79
CA PHE A 239 -11.15 -0.44 -4.75
C PHE A 239 -9.89 -1.22 -5.25
N ALA A 240 -9.68 -2.44 -4.73
CA ALA A 240 -8.58 -3.35 -5.10
C ALA A 240 -7.23 -2.63 -5.02
N THR A 241 -6.98 -2.08 -3.85
CA THR A 241 -5.78 -1.31 -3.53
C THR A 241 -4.50 -2.11 -3.81
N THR A 242 -3.59 -1.46 -4.52
CA THR A 242 -2.30 -1.98 -4.93
C THR A 242 -1.33 -0.79 -5.06
N GLY A 243 -0.21 -0.98 -5.71
CA GLY A 243 0.71 0.11 -5.96
C GLY A 243 1.34 0.06 -7.34
N TYR A 244 2.07 1.12 -7.68
CA TYR A 244 2.91 1.16 -8.86
C TYR A 244 4.22 0.54 -8.34
N GLY A 245 4.89 -0.22 -9.17
CA GLY A 245 6.19 -0.78 -8.81
C GLY A 245 7.15 -0.82 -9.98
N ILE A 246 8.42 -1.09 -9.69
CA ILE A 246 9.42 -1.24 -10.75
C ILE A 246 9.32 -2.71 -11.21
N ALA A 247 9.07 -2.96 -12.51
CA ALA A 247 9.08 -4.34 -12.98
C ALA A 247 10.52 -4.71 -13.36
N LEU A 248 10.98 -5.86 -12.88
CA LEU A 248 12.31 -6.44 -13.11
C LEU A 248 12.16 -7.84 -13.60
N GLN A 249 13.23 -8.45 -14.10
CA GLN A 249 13.12 -9.85 -14.56
C GLN A 249 13.08 -10.80 -13.38
N LYS A 250 12.39 -11.93 -13.55
CA LYS A 250 12.29 -12.95 -12.51
C LYS A 250 13.69 -13.37 -12.08
N GLY A 251 13.95 -13.29 -10.77
CA GLY A 251 15.25 -13.63 -10.20
C GLY A 251 16.34 -12.61 -10.45
N SER A 252 15.96 -11.36 -10.85
CA SER A 252 16.87 -10.24 -11.10
C SER A 252 17.78 -9.94 -9.91
N PRO A 253 19.09 -9.72 -10.14
CA PRO A 253 19.99 -9.43 -9.00
C PRO A 253 19.86 -7.98 -8.51
N TRP A 254 19.03 -7.17 -9.17
CA TRP A 254 18.82 -5.77 -8.82
C TRP A 254 17.75 -5.50 -7.77
N LYS A 255 16.79 -6.43 -7.60
CA LYS A 255 15.62 -6.25 -6.73
C LYS A 255 15.94 -5.84 -5.27
N ARG A 256 16.77 -6.63 -4.56
CA ARG A 256 17.15 -6.40 -3.17
C ARG A 256 17.59 -4.94 -2.94
N GLN A 257 18.55 -4.45 -3.74
CA GLN A 257 19.07 -3.11 -3.63
C GLN A 257 18.03 -2.02 -4.06
N ILE A 258 17.15 -2.34 -5.02
CA ILE A 258 16.11 -1.42 -5.45
C ILE A 258 15.06 -1.24 -4.34
N ASP A 259 14.58 -2.36 -3.75
CA ASP A 259 13.63 -2.30 -2.62
C ASP A 259 14.17 -1.52 -1.42
N LEU A 260 15.46 -1.77 -1.04
CA LEU A 260 16.06 -1.09 0.11
C LEU A 260 16.21 0.39 -0.12
N ALA A 261 16.61 0.77 -1.35
CA ALA A 261 16.76 2.19 -1.70
C ALA A 261 15.40 2.90 -1.70
N LEU A 262 14.33 2.25 -2.25
CA LEU A 262 12.98 2.89 -2.22
C LEU A 262 12.50 3.09 -0.79
N LEU A 263 12.73 2.07 0.08
CA LEU A 263 12.32 2.12 1.47
C LEU A 263 13.15 3.16 2.26
N GLN A 264 14.39 3.38 1.84
CA GLN A 264 15.23 4.41 2.43
C GLN A 264 14.67 5.79 2.05
N PHE A 265 14.20 5.99 0.81
CA PHE A 265 13.63 7.29 0.37
C PHE A 265 12.37 7.64 1.17
N VAL A 266 11.58 6.62 1.52
CA VAL A 266 10.37 6.71 2.34
C VAL A 266 10.76 7.20 3.75
N GLY A 267 11.74 6.51 4.35
CA GLY A 267 12.23 6.82 5.69
C GLY A 267 13.03 8.10 5.85
N ASP A 268 13.75 8.54 4.79
CA ASP A 268 14.60 9.76 4.76
C ASP A 268 13.83 11.05 4.47
N GLY A 269 12.57 10.93 4.05
CA GLY A 269 11.71 12.05 3.71
C GLY A 269 11.70 12.47 2.25
N GLU A 270 12.49 11.80 1.39
CA GLU A 270 12.62 12.08 -0.05
C GLU A 270 11.33 11.81 -0.84
N MET A 271 10.55 10.77 -0.48
CA MET A 271 9.29 10.43 -1.16
C MET A 271 8.24 11.52 -1.01
N GLU A 272 8.15 12.12 0.20
CA GLU A 272 7.20 13.20 0.49
C GLU A 272 7.54 14.44 -0.34
N GLU A 273 8.85 14.77 -0.51
CA GLU A 273 9.27 15.90 -1.36
C GLU A 273 8.81 15.66 -2.82
N LEU A 274 8.87 14.40 -3.31
CA LEU A 274 8.42 14.05 -4.67
C LEU A 274 6.90 14.15 -4.82
N GLU A 275 6.17 13.74 -3.78
CA GLU A 275 4.71 13.83 -3.73
C GLU A 275 4.34 15.32 -3.70
N THR A 276 5.10 16.15 -2.96
CA THR A 276 4.86 17.59 -2.86
C THR A 276 5.07 18.29 -4.21
N LEU A 277 6.23 18.06 -4.90
CA LEU A 277 6.49 18.69 -6.20
C LEU A 277 5.48 18.34 -7.28
N TRP A 278 5.31 17.02 -7.53
CA TRP A 278 4.56 16.46 -8.65
C TRP A 278 3.09 16.14 -8.48
N LEU A 279 2.64 15.79 -7.27
CA LEU A 279 1.29 15.22 -7.11
C LEU A 279 0.22 16.06 -6.44
N THR A 280 0.60 17.08 -5.66
CA THR A 280 -0.35 17.94 -4.96
C THR A 280 -1.19 18.81 -5.91
N GLY A 281 -2.46 18.98 -5.56
CA GLY A 281 -3.42 19.78 -6.31
C GLY A 281 -4.22 20.74 -5.44
N ILE A 282 -5.00 21.60 -6.10
CA ILE A 282 -5.84 22.63 -5.46
C ILE A 282 -7.07 22.03 -4.76
N CYS A 283 -7.86 21.22 -5.50
CA CYS A 283 -9.08 20.58 -5.00
C CYS A 283 -8.74 19.44 -4.05
N THR B 5 3.60 -27.80 5.25
CA THR B 5 4.41 -27.93 6.46
C THR B 5 3.62 -27.42 7.68
N ARG B 6 4.18 -27.58 8.92
CA ARG B 6 3.53 -27.08 10.14
C ARG B 6 4.22 -25.79 10.59
N LEU B 7 3.71 -24.69 10.06
CA LEU B 7 4.24 -23.35 10.27
C LEU B 7 3.94 -22.80 11.64
N LYS B 8 4.97 -22.28 12.30
CA LYS B 8 4.83 -21.60 13.58
C LYS B 8 4.59 -20.12 13.23
N ILE B 9 3.36 -19.65 13.44
CA ILE B 9 2.99 -18.28 13.16
C ILE B 9 3.13 -17.46 14.42
N VAL B 10 3.75 -16.28 14.30
CA VAL B 10 3.80 -15.33 15.43
C VAL B 10 2.87 -14.14 15.14
N THR B 11 2.18 -13.67 16.17
CA THR B 11 1.27 -12.54 16.10
C THR B 11 1.38 -11.69 17.38
N ILE B 12 0.63 -10.60 17.41
CA ILE B 12 0.59 -9.63 18.49
C ILE B 12 -0.86 -9.21 18.72
N HIS B 13 -1.20 -8.85 19.97
CA HIS B 13 -2.51 -8.29 20.28
C HIS B 13 -2.57 -6.89 19.63
N GLN B 14 -3.62 -6.60 18.86
CA GLN B 14 -3.79 -5.34 18.14
C GLN B 14 -5.15 -5.25 17.48
N GLU B 15 -6.14 -4.71 18.19
CA GLU B 15 -7.49 -4.59 17.63
C GLU B 15 -7.54 -3.58 16.46
N PRO B 16 -8.29 -3.86 15.36
CA PRO B 16 -9.21 -5.00 15.14
C PRO B 16 -8.57 -6.13 14.34
N PHE B 17 -7.22 -6.12 14.21
CA PHE B 17 -6.46 -7.11 13.47
C PHE B 17 -6.38 -8.43 14.20
N VAL B 18 -6.11 -8.40 15.52
CA VAL B 18 -5.99 -9.59 16.35
C VAL B 18 -6.58 -9.26 17.70
N TYR B 19 -7.70 -9.90 18.03
CA TYR B 19 -8.31 -9.81 19.33
C TYR B 19 -7.77 -10.98 20.09
N VAL B 20 -7.47 -10.78 21.38
CA VAL B 20 -6.94 -11.86 22.23
C VAL B 20 -7.90 -11.99 23.41
N LYS B 21 -8.36 -13.22 23.67
CA LYS B 21 -9.33 -13.51 24.74
C LYS B 21 -8.98 -14.79 25.48
N PRO B 22 -9.39 -14.93 26.77
CA PRO B 22 -9.14 -16.21 27.45
C PRO B 22 -10.07 -17.26 26.89
N THR B 23 -9.62 -18.53 26.93
CA THR B 23 -10.45 -19.68 26.52
C THR B 23 -11.51 -19.89 27.62
N LEU B 24 -12.52 -20.73 27.35
CA LEU B 24 -13.50 -21.10 28.38
C LEU B 24 -12.83 -22.15 29.33
N SER B 25 -13.56 -22.64 30.34
CA SER B 25 -13.08 -23.69 31.27
C SER B 25 -12.46 -24.90 30.56
N ASP B 26 -13.11 -25.43 29.51
CA ASP B 26 -12.66 -26.59 28.75
C ASP B 26 -11.61 -26.32 27.65
N GLY B 27 -10.98 -25.13 27.69
CA GLY B 27 -9.93 -24.75 26.75
C GLY B 27 -10.37 -24.52 25.32
N THR B 28 -11.68 -24.26 25.14
CA THR B 28 -12.25 -23.96 23.83
C THR B 28 -12.57 -22.46 23.75
N CYS B 29 -13.01 -22.03 22.57
CA CYS B 29 -13.35 -20.66 22.33
C CYS B 29 -14.86 -20.49 22.26
N LYS B 30 -15.37 -19.45 22.90
CA LYS B 30 -16.80 -19.15 22.92
C LYS B 30 -17.23 -18.76 21.50
N GLU B 31 -18.36 -19.34 21.04
CA GLU B 31 -18.96 -19.07 19.73
C GLU B 31 -19.48 -17.63 19.68
N GLU B 32 -19.14 -16.88 18.60
CA GLU B 32 -19.52 -15.48 18.36
C GLU B 32 -19.95 -15.27 16.92
N PHE B 33 -20.69 -14.21 16.66
CA PHE B 33 -21.13 -13.86 15.32
C PHE B 33 -20.57 -12.51 14.95
N THR B 34 -20.20 -12.31 13.68
CA THR B 34 -19.70 -11.01 13.21
C THR B 34 -20.84 -9.98 13.14
N VAL B 35 -20.50 -8.74 12.78
CA VAL B 35 -21.43 -7.64 12.59
C VAL B 35 -22.49 -8.01 11.49
N ASN B 36 -22.13 -8.96 10.56
CA ASN B 36 -22.93 -9.49 9.45
C ASN B 36 -23.60 -10.85 9.74
N GLY B 37 -23.60 -11.31 10.99
CA GLY B 37 -24.25 -12.57 11.36
C GLY B 37 -23.54 -13.87 11.02
N ASP B 38 -22.35 -13.82 10.43
CA ASP B 38 -21.56 -15.01 10.12
C ASP B 38 -20.79 -15.45 11.36
N PRO B 39 -20.54 -16.75 11.60
CA PRO B 39 -19.75 -17.11 12.81
C PRO B 39 -18.28 -16.63 12.72
N VAL B 40 -17.71 -16.25 13.85
CA VAL B 40 -16.31 -15.82 13.96
C VAL B 40 -15.36 -17.03 13.99
N LYS B 41 -14.38 -17.08 13.08
CA LYS B 41 -13.42 -18.21 13.07
C LYS B 41 -12.32 -17.88 14.09
N LYS B 42 -12.23 -18.66 15.15
CA LYS B 42 -11.24 -18.44 16.19
C LYS B 42 -10.15 -19.49 16.17
N VAL B 43 -8.94 -19.15 16.57
CA VAL B 43 -7.85 -20.12 16.67
C VAL B 43 -7.34 -20.12 18.10
N ILE B 44 -6.71 -21.22 18.50
CA ILE B 44 -6.07 -21.28 19.81
C ILE B 44 -4.67 -20.71 19.58
N CYS B 45 -4.28 -19.75 20.41
CA CYS B 45 -2.96 -19.14 20.36
C CYS B 45 -2.37 -19.18 21.74
N THR B 46 -1.11 -19.56 21.83
CA THR B 46 -0.46 -19.59 23.12
C THR B 46 0.33 -18.30 23.28
N GLY B 47 0.31 -17.75 24.48
CA GLY B 47 1.03 -16.52 24.78
C GLY B 47 1.12 -16.25 26.27
N PRO B 48 2.03 -15.35 26.70
CA PRO B 48 2.11 -15.07 28.15
C PRO B 48 0.88 -14.31 28.65
N ASN B 49 0.57 -14.43 29.96
CA ASN B 49 -0.58 -13.73 30.52
C ASN B 49 -0.17 -12.36 31.10
N ASP B 50 0.82 -12.34 32.03
CA ASP B 50 1.33 -11.12 32.70
C ASP B 50 2.11 -10.23 31.72
N THR B 51 1.76 -8.93 31.70
CA THR B 51 2.39 -7.93 30.83
C THR B 51 3.27 -6.92 31.61
N SER B 52 3.90 -7.38 32.72
CA SER B 52 4.79 -6.54 33.53
C SER B 52 6.28 -6.76 33.15
N PRO B 53 6.95 -5.70 32.62
CA PRO B 53 8.35 -5.85 32.17
C PRO B 53 9.36 -6.29 33.25
N GLY B 54 10.26 -7.19 32.85
CA GLY B 54 11.28 -7.76 33.72
C GLY B 54 10.78 -8.84 34.66
N SER B 55 9.64 -9.45 34.32
CA SER B 55 9.00 -10.50 35.12
C SER B 55 8.94 -11.86 34.38
N PRO B 56 8.82 -13.00 35.10
CA PRO B 56 8.69 -14.29 34.39
C PRO B 56 7.43 -14.34 33.52
N ARG B 57 7.54 -14.98 32.36
CA ARG B 57 6.44 -15.12 31.40
C ARG B 57 5.83 -16.52 31.41
N HIS B 58 4.60 -16.64 31.92
CA HIS B 58 3.89 -17.92 31.93
C HIS B 58 2.93 -18.00 30.76
N THR B 59 3.22 -18.90 29.82
CA THR B 59 2.46 -19.13 28.60
C THR B 59 1.19 -19.94 28.90
N VAL B 60 0.06 -19.51 28.34
CA VAL B 60 -1.24 -20.17 28.50
C VAL B 60 -1.99 -20.23 27.15
N PRO B 61 -2.89 -21.22 26.95
CA PRO B 61 -3.73 -21.20 25.73
C PRO B 61 -4.71 -20.04 25.83
N GLN B 62 -4.93 -19.34 24.70
CA GLN B 62 -5.82 -18.18 24.56
C GLN B 62 -6.54 -18.30 23.20
N CYS B 63 -7.58 -17.47 22.96
CA CYS B 63 -8.34 -17.42 21.71
C CYS B 63 -7.93 -16.19 20.89
N CYS B 64 -7.57 -16.42 19.63
CA CYS B 64 -7.19 -15.37 18.69
C CYS B 64 -8.20 -15.34 17.53
N TYR B 65 -8.62 -14.14 17.13
CA TYR B 65 -9.51 -13.89 16.01
C TYR B 65 -9.32 -12.47 15.52
N GLY B 66 -9.80 -12.18 14.31
CA GLY B 66 -9.74 -10.84 13.75
C GLY B 66 -9.38 -10.85 12.29
N PHE B 67 -9.13 -9.64 11.75
CA PHE B 67 -8.75 -9.39 10.36
C PHE B 67 -7.54 -10.27 9.97
N CYS B 68 -6.45 -10.24 10.75
CA CYS B 68 -5.25 -11.02 10.50
C CYS B 68 -5.43 -12.53 10.66
N ILE B 69 -6.30 -13.00 11.58
CA ILE B 69 -6.58 -14.44 11.73
C ILE B 69 -7.38 -14.98 10.50
N ASP B 70 -8.36 -14.19 9.97
CA ASP B 70 -9.09 -14.60 8.77
C ASP B 70 -8.15 -14.66 7.59
N LEU B 71 -7.20 -13.72 7.53
CA LEU B 71 -6.17 -13.68 6.48
C LEU B 71 -5.29 -14.96 6.59
N LEU B 72 -4.87 -15.31 7.82
CA LEU B 72 -4.10 -16.53 8.08
C LEU B 72 -4.79 -17.78 7.52
N ILE B 73 -6.06 -17.98 7.90
CA ILE B 73 -6.93 -19.08 7.47
C ILE B 73 -7.06 -19.11 5.93
N LYS B 74 -7.23 -17.93 5.30
CA LYS B 74 -7.34 -17.84 3.84
C LYS B 74 -6.04 -18.28 3.17
N LEU B 75 -4.88 -17.75 3.62
CA LEU B 75 -3.54 -18.13 3.15
C LEU B 75 -3.29 -19.64 3.35
N ALA B 76 -3.54 -20.15 4.59
CA ALA B 76 -3.38 -21.57 4.91
C ALA B 76 -4.16 -22.50 3.98
N ARG B 77 -5.45 -22.20 3.68
CA ARG B 77 -6.28 -23.02 2.78
C ARG B 77 -5.93 -22.82 1.31
N THR B 78 -5.42 -21.63 0.94
CA THR B 78 -5.02 -21.33 -0.44
C THR B 78 -3.73 -22.05 -0.81
N MET B 79 -2.74 -22.02 0.08
CA MET B 79 -1.45 -22.65 -0.15
C MET B 79 -1.32 -24.02 0.49
N ASN B 80 -2.40 -24.56 1.09
CA ASN B 80 -2.47 -25.91 1.67
C ASN B 80 -1.34 -26.17 2.69
N PHE B 81 -1.44 -25.55 3.87
CA PHE B 81 -0.48 -25.72 4.98
C PHE B 81 -1.19 -25.72 6.33
N THR B 82 -0.51 -26.24 7.35
CA THR B 82 -1.04 -26.24 8.72
C THR B 82 -0.18 -25.32 9.56
N TYR B 83 -0.73 -24.88 10.68
CA TYR B 83 -0.07 -23.89 11.49
C TYR B 83 -0.34 -24.02 12.95
N GLU B 84 0.44 -23.29 13.75
CA GLU B 84 0.33 -23.14 15.20
C GLU B 84 0.57 -21.67 15.46
N VAL B 85 -0.42 -20.98 16.02
CA VAL B 85 -0.34 -19.56 16.34
C VAL B 85 0.16 -19.34 17.77
N HIS B 86 1.13 -18.43 17.92
CA HIS B 86 1.58 -18.00 19.22
C HIS B 86 1.76 -16.49 19.24
N LEU B 87 1.65 -15.93 20.43
CA LEU B 87 1.81 -14.51 20.66
C LEU B 87 3.25 -14.25 21.04
N VAL B 88 3.83 -13.20 20.46
CA VAL B 88 5.19 -12.73 20.73
C VAL B 88 5.40 -12.60 22.23
N ALA B 89 6.42 -13.30 22.76
CA ALA B 89 6.71 -13.35 24.21
C ALA B 89 6.95 -11.96 24.88
N ASP B 90 7.64 -11.04 24.19
CA ASP B 90 7.91 -9.72 24.76
C ASP B 90 6.81 -8.70 24.44
N GLY B 91 5.79 -9.10 23.71
CA GLY B 91 4.66 -8.25 23.30
C GLY B 91 5.01 -7.06 22.42
N LYS B 92 6.15 -7.14 21.66
CA LYS B 92 6.64 -6.07 20.78
C LYS B 92 6.65 -6.40 19.29
N PHE B 93 6.49 -5.34 18.45
CA PHE B 93 6.55 -5.49 16.99
C PHE B 93 7.96 -5.87 16.53
N GLY B 94 8.94 -5.08 16.94
CA GLY B 94 10.32 -5.39 16.60
C GLY B 94 11.10 -4.25 16.00
N THR B 95 12.25 -3.98 16.62
CA THR B 95 13.28 -3.01 16.26
C THR B 95 14.66 -3.62 16.51
N GLN B 96 15.67 -3.09 15.84
CA GLN B 96 17.05 -3.54 16.02
C GLN B 96 17.71 -2.57 16.99
N GLU B 97 18.06 -3.03 18.20
CA GLU B 97 18.65 -2.13 19.20
C GLU B 97 20.12 -2.45 19.48
N ARG B 98 20.90 -1.40 19.81
CA ARG B 98 22.31 -1.57 20.20
C ARG B 98 22.33 -2.12 21.64
N VAL B 99 23.16 -3.16 21.85
CA VAL B 99 23.34 -3.87 23.13
C VAL B 99 24.35 -3.11 24.01
N ASN B 103 28.48 -1.89 19.59
CA ASN B 103 28.90 -2.54 18.34
C ASN B 103 27.85 -3.57 17.83
N LYS B 104 27.43 -4.52 18.69
CA LYS B 104 26.44 -5.54 18.33
C LYS B 104 25.03 -4.98 18.48
N LYS B 105 24.20 -5.18 17.45
CA LYS B 105 22.80 -4.78 17.36
C LYS B 105 21.97 -6.04 17.32
N GLU B 106 20.93 -6.11 18.17
CA GLU B 106 20.02 -7.27 18.20
C GLU B 106 18.55 -6.90 17.94
N TRP B 107 17.82 -7.81 17.31
CA TRP B 107 16.40 -7.64 17.04
C TRP B 107 15.56 -8.14 18.22
N ASN B 108 14.47 -7.45 18.51
CA ASN B 108 13.51 -7.89 19.53
C ASN B 108 12.17 -8.16 18.80
N GLY B 109 11.09 -8.37 19.58
CA GLY B 109 9.73 -8.58 19.10
C GLY B 109 9.57 -9.75 18.14
N MET B 110 8.58 -9.64 17.25
CA MET B 110 8.24 -10.64 16.23
C MET B 110 9.39 -10.84 15.25
N MET B 111 10.13 -9.75 14.99
CA MET B 111 11.32 -9.70 14.14
C MET B 111 12.41 -10.65 14.70
N GLY B 112 12.62 -10.59 16.01
CA GLY B 112 13.56 -11.44 16.75
C GLY B 112 13.15 -12.89 16.70
N GLU B 113 11.84 -13.16 16.92
CA GLU B 113 11.26 -14.51 16.90
C GLU B 113 11.36 -15.15 15.52
N LEU B 114 11.12 -14.36 14.45
CA LEU B 114 11.26 -14.81 13.06
C LEU B 114 12.73 -15.12 12.72
N LEU B 115 13.65 -14.22 13.02
CA LEU B 115 15.08 -14.44 12.71
C LEU B 115 15.76 -15.56 13.56
N SER B 116 15.31 -15.77 14.80
CA SER B 116 15.88 -16.81 15.65
C SER B 116 15.26 -18.20 15.42
N GLY B 117 14.32 -18.32 14.49
CA GLY B 117 13.66 -19.59 14.21
C GLY B 117 12.52 -19.94 15.15
N GLN B 118 12.21 -19.08 16.14
CA GLN B 118 11.09 -19.27 17.06
C GLN B 118 9.73 -19.20 16.33
N ALA B 119 9.71 -18.49 15.18
CA ALA B 119 8.57 -18.35 14.31
C ALA B 119 8.99 -18.59 12.88
N ASP B 120 8.07 -19.02 12.03
CA ASP B 120 8.28 -19.23 10.61
C ASP B 120 7.64 -18.13 9.82
N MET B 121 6.67 -17.44 10.43
CA MET B 121 5.97 -16.39 9.71
C MET B 121 5.32 -15.39 10.65
N ILE B 122 5.34 -14.10 10.24
CA ILE B 122 4.68 -13.01 10.95
C ILE B 122 3.37 -12.68 10.22
N VAL B 123 2.26 -12.89 10.93
CA VAL B 123 0.93 -12.57 10.46
C VAL B 123 0.39 -11.64 11.54
N ALA B 124 0.58 -10.34 11.31
CA ALA B 124 0.23 -9.24 12.20
C ALA B 124 0.29 -7.91 11.42
N PRO B 125 -0.29 -6.78 11.95
CA PRO B 125 -0.11 -5.47 11.27
C PRO B 125 1.34 -4.92 11.41
N LEU B 126 2.29 -5.61 10.78
CA LEU B 126 3.71 -5.32 10.80
C LEU B 126 4.06 -4.39 9.61
N THR B 127 4.54 -3.18 9.93
CA THR B 127 4.91 -2.19 8.93
C THR B 127 6.17 -2.54 8.16
N ILE B 128 6.12 -2.33 6.85
CA ILE B 128 7.23 -2.51 5.95
C ILE B 128 8.17 -1.27 6.08
N ASN B 129 9.46 -1.49 6.35
CA ASN B 129 10.43 -0.42 6.42
C ASN B 129 11.78 -0.92 5.99
N ASN B 130 12.71 0.01 5.76
CA ASN B 130 14.06 -0.31 5.30
C ASN B 130 14.82 -1.28 6.22
N GLU B 131 14.79 -0.99 7.52
CA GLU B 131 15.44 -1.74 8.59
C GLU B 131 15.06 -3.24 8.60
N ARG B 132 13.75 -3.53 8.62
CA ARG B 132 13.21 -4.89 8.65
C ARG B 132 13.45 -5.62 7.33
N ALA B 133 13.17 -4.96 6.18
CA ALA B 133 13.39 -5.50 4.82
C ALA B 133 14.84 -5.95 4.55
N GLN B 134 15.83 -5.38 5.27
CA GLN B 134 17.21 -5.84 5.11
C GLN B 134 17.42 -7.28 5.58
N TYR B 135 16.62 -7.72 6.56
CA TYR B 135 16.73 -9.02 7.23
C TYR B 135 15.64 -9.99 6.86
N ILE B 136 14.47 -9.48 6.47
CA ILE B 136 13.37 -10.39 6.16
C ILE B 136 12.72 -10.11 4.82
N GLU B 137 11.93 -11.07 4.38
CA GLU B 137 11.11 -10.96 3.22
C GLU B 137 9.72 -10.46 3.69
N PHE B 138 9.25 -9.40 3.04
CA PHE B 138 7.91 -8.88 3.23
C PHE B 138 7.11 -9.25 2.02
N SER B 139 5.82 -9.54 2.24
CA SER B 139 4.95 -9.79 1.11
C SER B 139 4.54 -8.38 0.57
N LYS B 140 3.80 -8.36 -0.53
CA LYS B 140 3.22 -7.12 -1.04
C LYS B 140 2.20 -6.71 0.04
N PRO B 141 1.95 -5.41 0.28
CA PRO B 141 1.07 -5.04 1.39
C PRO B 141 -0.36 -5.61 1.34
N PHE B 142 -0.84 -6.07 2.50
CA PHE B 142 -2.21 -6.59 2.61
C PHE B 142 -3.14 -5.47 3.05
N LYS B 143 -2.57 -4.32 3.48
CA LYS B 143 -3.28 -3.13 3.94
C LYS B 143 -2.42 -1.89 3.69
N TYR B 144 -2.97 -0.85 3.02
CA TYR B 144 -2.28 0.44 2.79
C TYR B 144 -2.88 1.42 3.77
N GLN B 145 -2.02 2.17 4.51
CA GLN B 145 -2.49 3.15 5.52
C GLN B 145 -1.39 4.15 5.85
N GLY B 146 -1.29 4.57 7.10
CA GLY B 146 -0.24 5.48 7.54
C GLY B 146 -0.35 5.93 8.97
N LEU B 147 0.32 7.03 9.31
CA LEU B 147 0.31 7.55 10.66
C LEU B 147 -0.63 8.69 10.84
N THR B 148 -1.33 8.65 11.96
CA THR B 148 -2.23 9.70 12.38
C THR B 148 -2.00 9.95 13.88
N ILE B 149 -2.74 10.88 14.47
CA ILE B 149 -2.62 11.25 15.88
C ILE B 149 -3.98 11.10 16.56
N LEU B 150 -4.03 10.39 17.69
CA LEU B 150 -5.26 10.21 18.45
C LEU B 150 -5.26 11.11 19.68
N VAL B 151 -6.34 11.87 19.86
CA VAL B 151 -6.54 12.76 21.02
C VAL B 151 -7.93 12.53 21.62
N LYS B 152 -8.14 13.11 22.81
CA LYS B 152 -9.44 13.12 23.51
C LYS B 152 -10.30 14.17 22.81
N LYS B 153 -11.62 13.91 22.69
CA LYS B 153 -12.55 14.87 22.06
C LYS B 153 -12.50 16.14 22.89
N GLY B 154 -12.26 17.26 22.21
CA GLY B 154 -12.08 18.54 22.88
C GLY B 154 -10.67 19.10 22.76
N THR B 155 -9.63 18.20 22.69
CA THR B 155 -8.20 18.59 22.53
C THR B 155 -7.99 19.18 21.14
N ARG B 156 -7.71 20.50 21.07
CA ARG B 156 -7.48 21.17 19.80
C ARG B 156 -6.02 21.04 19.39
N ILE B 157 -5.75 20.26 18.31
CA ILE B 157 -4.42 19.99 17.74
C ILE B 157 -4.61 19.97 16.21
N THR B 158 -3.73 20.63 15.44
CA THR B 158 -3.86 20.69 13.96
C THR B 158 -3.38 19.41 13.30
N GLY B 159 -2.29 18.86 13.81
CA GLY B 159 -1.63 17.68 13.30
C GLY B 159 -0.19 17.66 13.71
N ILE B 160 0.66 17.11 12.84
CA ILE B 160 2.10 16.89 13.06
C ILE B 160 2.92 18.18 13.12
N ASN B 161 2.46 19.25 12.46
CA ASN B 161 3.17 20.52 12.41
C ASN B 161 2.69 21.48 13.49
N ASP B 162 1.85 20.98 14.41
CA ASP B 162 1.32 21.77 15.54
C ASP B 162 2.44 22.16 16.50
N PRO B 163 2.46 23.44 16.95
CA PRO B 163 3.52 23.87 17.91
C PRO B 163 3.57 23.04 19.20
N ARG B 164 2.43 22.51 19.69
CA ARG B 164 2.46 21.69 20.92
C ARG B 164 3.20 20.34 20.74
N LEU B 165 3.56 19.97 19.49
CA LEU B 165 4.37 18.80 19.20
C LEU B 165 5.75 19.24 18.69
N ARG B 166 5.80 20.27 17.81
CA ARG B 166 7.05 20.72 17.22
C ARG B 166 7.97 21.46 18.18
N ASN B 167 7.38 22.11 19.18
CA ASN B 167 8.09 22.84 20.22
C ASN B 167 7.48 22.37 21.55
N PRO B 168 7.83 21.17 22.02
CA PRO B 168 7.20 20.63 23.23
C PRO B 168 7.71 21.09 24.59
N SER B 169 6.86 20.85 25.60
CA SER B 169 7.01 21.10 27.02
C SER B 169 6.37 19.91 27.77
N ASP B 170 6.44 19.91 29.13
CA ASP B 170 5.82 18.92 30.01
C ASP B 170 4.32 19.19 30.17
N LYS B 171 3.81 20.32 29.61
CA LYS B 171 2.40 20.69 29.69
C LYS B 171 1.50 19.86 28.74
N PHE B 172 2.03 19.42 27.60
CA PHE B 172 1.30 18.61 26.63
C PHE B 172 2.14 17.38 26.28
N ILE B 173 1.79 16.23 26.83
CA ILE B 173 2.51 14.97 26.65
C ILE B 173 1.98 14.14 25.46
N TYR B 174 2.90 13.71 24.60
CA TYR B 174 2.57 12.86 23.46
C TYR B 174 3.57 11.70 23.38
N ALA B 175 3.13 10.54 22.79
CA ALA B 175 3.99 9.34 22.70
C ALA B 175 3.54 8.34 21.65
N THR B 176 4.38 7.31 21.48
CA THR B 176 4.08 6.16 20.62
C THR B 176 4.29 4.87 21.41
N VAL B 177 4.39 3.75 20.70
CA VAL B 177 4.66 2.43 21.28
C VAL B 177 6.15 2.14 21.17
N LYS B 178 6.79 1.74 22.29
CA LYS B 178 8.21 1.39 22.35
C LYS B 178 8.49 0.25 21.39
N GLN B 179 9.65 0.30 20.70
CA GLN B 179 10.18 -0.78 19.86
C GLN B 179 9.24 -1.21 18.76
N SER B 180 8.59 -0.21 18.15
CA SER B 180 7.68 -0.34 17.04
C SER B 180 8.28 0.45 15.87
N SER B 181 7.68 0.33 14.71
CA SER B 181 8.12 1.04 13.50
C SER B 181 7.96 2.57 13.64
N VAL B 182 6.93 3.06 14.39
CA VAL B 182 6.67 4.50 14.60
C VAL B 182 7.85 5.06 15.39
N ASP B 183 8.24 4.35 16.45
CA ASP B 183 9.38 4.64 17.30
C ASP B 183 10.69 4.79 16.45
N ILE B 184 11.02 3.81 15.56
CA ILE B 184 12.24 3.91 14.73
C ILE B 184 12.12 4.98 13.64
N TYR B 185 10.89 5.32 13.23
CA TYR B 185 10.67 6.36 12.23
C TYR B 185 11.08 7.74 12.78
N PHE B 186 10.69 8.06 14.03
CA PHE B 186 11.02 9.30 14.71
C PHE B 186 12.50 9.35 15.14
N ARG B 187 13.08 8.18 15.47
CA ARG B 187 14.46 8.06 15.90
C ARG B 187 15.43 8.40 14.80
N ARG B 188 15.20 7.86 13.59
CA ARG B 188 16.14 7.98 12.48
C ARG B 188 15.92 9.24 11.60
N GLN B 189 14.82 9.97 11.79
CA GLN B 189 14.53 11.17 11.01
C GLN B 189 14.96 12.45 11.77
N VAL B 190 16.07 13.07 11.33
CA VAL B 190 16.69 14.28 11.91
C VAL B 190 15.68 15.48 12.02
N GLU B 191 14.73 15.61 11.06
CA GLU B 191 13.65 16.63 11.10
C GLU B 191 12.71 16.39 12.31
N LEU B 192 12.63 15.13 12.78
CA LEU B 192 11.72 14.71 13.85
C LEU B 192 12.37 14.59 15.21
N SER B 193 13.66 14.90 15.29
CA SER B 193 14.54 14.85 16.46
C SER B 193 13.97 15.44 17.78
N THR B 194 13.40 16.66 17.70
CA THR B 194 12.83 17.35 18.88
C THR B 194 11.65 16.55 19.44
N MET B 195 10.83 15.97 18.55
CA MET B 195 9.68 15.15 18.90
C MET B 195 10.12 13.83 19.52
N TYR B 196 11.16 13.18 18.97
CA TYR B 196 11.68 11.92 19.48
C TYR B 196 12.21 12.10 20.89
N ARG B 197 12.91 13.22 21.15
CA ARG B 197 13.45 13.58 22.47
C ARG B 197 12.35 13.67 23.53
N HIS B 198 11.18 14.26 23.19
CA HIS B 198 10.00 14.32 24.07
C HIS B 198 9.41 12.90 24.25
N MET B 199 9.04 12.22 23.13
CA MET B 199 8.44 10.87 23.09
C MET B 199 9.21 9.76 23.86
N GLU B 200 10.56 9.70 23.74
CA GLU B 200 11.42 8.68 24.37
C GLU B 200 11.30 8.61 25.95
N LYS B 201 10.79 9.66 26.58
CA LYS B 201 10.56 9.71 28.03
C LYS B 201 9.14 9.21 28.34
N HIS B 202 8.27 9.10 27.33
CA HIS B 202 6.86 8.79 27.54
C HIS B 202 6.29 7.60 26.79
N ASN B 203 7.03 7.00 25.84
CA ASN B 203 6.52 5.89 25.04
C ASN B 203 5.82 4.78 25.89
N TYR B 204 4.80 4.14 25.32
CA TYR B 204 4.07 3.06 26.01
C TYR B 204 4.53 1.66 25.57
N GLU B 205 4.28 0.65 26.41
CA GLU B 205 4.63 -0.75 26.15
C GLU B 205 3.77 -1.35 25.05
N SER B 206 2.50 -0.95 25.00
CA SER B 206 1.55 -1.48 24.05
C SER B 206 0.59 -0.37 23.61
N ALA B 207 -0.01 -0.52 22.41
CA ALA B 207 -0.99 0.39 21.84
C ALA B 207 -2.23 0.52 22.72
N ALA B 208 -2.73 -0.58 23.31
CA ALA B 208 -3.92 -0.55 24.20
C ALA B 208 -3.75 0.37 25.41
N GLU B 209 -2.59 0.28 26.12
CA GLU B 209 -2.25 1.09 27.29
C GLU B 209 -2.22 2.57 26.92
N ALA B 210 -1.64 2.89 25.74
CA ALA B 210 -1.57 4.25 25.21
C ALA B 210 -3.00 4.77 24.92
N ILE B 211 -3.85 3.95 24.26
CA ILE B 211 -5.25 4.30 23.97
C ILE B 211 -6.01 4.57 25.29
N GLN B 212 -5.75 3.74 26.31
CA GLN B 212 -6.35 3.86 27.65
C GLN B 212 -5.94 5.18 28.33
N ALA B 213 -4.64 5.51 28.26
CA ALA B 213 -4.01 6.71 28.81
C ALA B 213 -4.59 8.01 28.23
N VAL B 214 -4.97 8.01 26.93
CA VAL B 214 -5.62 9.13 26.23
C VAL B 214 -7.04 9.32 26.75
N ARG B 215 -7.76 8.21 27.00
CA ARG B 215 -9.12 8.25 27.57
C ARG B 215 -9.07 8.78 29.01
N ASP B 216 -8.06 8.32 29.78
CA ASP B 216 -7.83 8.69 31.19
C ASP B 216 -7.14 10.03 31.40
N ASN B 217 -6.87 10.80 30.32
CA ASN B 217 -6.22 12.13 30.30
C ASN B 217 -4.74 12.12 30.77
N LYS B 218 -4.10 10.92 30.87
CA LYS B 218 -2.70 10.75 31.27
C LYS B 218 -1.74 11.03 30.09
N LEU B 219 -2.19 10.75 28.84
CA LEU B 219 -1.48 10.98 27.58
C LEU B 219 -2.38 11.88 26.74
N HIS B 220 -1.86 13.02 26.26
CA HIS B 220 -2.65 13.98 25.49
C HIS B 220 -2.73 13.66 23.99
N ALA B 221 -1.73 12.93 23.47
CA ALA B 221 -1.70 12.53 22.08
C ALA B 221 -0.95 11.22 21.88
N PHE B 222 -1.56 10.32 21.11
CA PHE B 222 -0.96 9.03 20.80
C PHE B 222 -0.69 8.99 19.29
N ILE B 223 0.59 8.83 18.91
CA ILE B 223 0.99 8.75 17.50
C ILE B 223 1.12 7.25 17.18
N TRP B 224 0.33 6.78 16.19
CA TRP B 224 0.25 5.37 15.80
C TRP B 224 -0.40 5.18 14.42
N ASP B 225 -0.59 3.91 13.99
CA ASP B 225 -1.21 3.48 12.76
C ASP B 225 -2.67 3.93 12.64
N SER B 226 -3.04 4.49 11.47
CA SER B 226 -4.39 4.98 11.17
C SER B 226 -5.43 3.89 11.11
N ALA B 227 -5.05 2.68 10.65
CA ALA B 227 -5.99 1.55 10.58
C ALA B 227 -6.57 1.19 12.00
N VAL B 228 -5.77 1.40 13.07
CA VAL B 228 -6.09 1.12 14.47
C VAL B 228 -6.82 2.30 15.11
N LEU B 229 -6.25 3.52 14.94
CA LEU B 229 -6.73 4.77 15.52
C LEU B 229 -8.06 5.21 14.96
N GLU B 230 -8.25 5.08 13.65
CA GLU B 230 -9.56 5.33 13.00
C GLU B 230 -10.59 4.31 13.52
N PHE B 231 -10.18 3.03 13.75
CA PHE B 231 -11.11 2.04 14.30
C PHE B 231 -11.52 2.37 15.75
N GLU B 232 -10.54 2.74 16.59
CA GLU B 232 -10.76 3.14 17.97
C GLU B 232 -11.69 4.33 18.07
N ALA B 233 -11.49 5.36 17.21
CA ALA B 233 -12.32 6.57 17.20
C ALA B 233 -13.73 6.24 16.76
N SER B 234 -13.88 5.25 15.85
CA SER B 234 -15.18 4.77 15.38
C SER B 234 -15.94 3.95 16.47
N GLN B 235 -15.22 3.51 17.53
CA GLN B 235 -15.79 2.72 18.63
C GLN B 235 -15.96 3.51 19.92
N LYS B 236 -15.03 4.41 20.26
CA LYS B 236 -15.07 5.26 21.46
C LYS B 236 -15.37 6.71 21.05
N CYS B 237 -16.50 7.28 21.51
CA CYS B 237 -16.94 8.64 21.16
C CYS B 237 -16.16 9.75 21.87
N ASP B 238 -15.42 9.42 22.95
CA ASP B 238 -14.56 10.36 23.68
C ASP B 238 -13.17 10.52 22.99
N LEU B 239 -12.92 9.75 21.91
CA LEU B 239 -11.67 9.81 21.17
C LEU B 239 -11.86 10.25 19.73
N VAL B 240 -10.88 11.00 19.19
CA VAL B 240 -10.84 11.46 17.80
C VAL B 240 -9.41 11.43 17.25
N THR B 241 -9.28 11.33 15.90
CA THR B 241 -7.99 11.43 15.25
C THR B 241 -7.89 12.83 14.74
N THR B 242 -6.67 13.33 14.62
CA THR B 242 -6.46 14.70 14.22
C THR B 242 -5.74 14.70 12.91
N GLY B 243 -6.31 15.44 11.96
CA GLY B 243 -5.83 15.54 10.59
C GLY B 243 -6.03 14.21 9.87
N GLU B 244 -5.34 14.06 8.75
CA GLU B 244 -5.40 12.82 8.00
C GLU B 244 -4.05 12.12 8.27
N LEU B 245 -3.45 11.54 7.24
CA LEU B 245 -2.17 10.88 7.36
C LEU B 245 -1.07 11.88 7.18
N PHE B 246 -0.01 11.78 7.98
CA PHE B 246 1.14 12.67 7.81
C PHE B 246 2.30 11.88 7.21
N PHE B 247 2.17 10.56 7.18
CA PHE B 247 3.16 9.64 6.65
C PHE B 247 2.41 8.39 6.23
N ARG B 248 2.65 7.88 5.00
CA ARG B 248 1.98 6.68 4.47
C ARG B 248 2.83 5.46 4.73
N SER B 249 2.20 4.33 5.06
CA SER B 249 2.87 3.05 5.31
C SER B 249 1.91 1.90 5.05
N GLY B 250 2.43 0.71 4.94
CA GLY B 250 1.60 -0.47 4.71
C GLY B 250 2.05 -1.67 5.54
N PHE B 251 1.15 -2.63 5.73
CA PHE B 251 1.42 -3.88 6.46
C PHE B 251 1.66 -5.00 5.48
N GLY B 252 2.68 -5.78 5.77
CA GLY B 252 2.99 -6.96 4.95
C GLY B 252 3.16 -8.19 5.81
N ILE B 253 3.11 -9.39 5.20
CA ILE B 253 3.40 -10.65 5.89
C ILE B 253 4.94 -10.75 5.92
N GLY B 254 5.50 -11.24 7.02
CA GLY B 254 6.94 -11.40 7.18
C GLY B 254 7.40 -12.83 7.20
N MET B 255 8.41 -13.15 6.40
CA MET B 255 9.02 -14.48 6.34
C MET B 255 10.54 -14.33 6.26
N ARG B 256 11.26 -15.41 6.54
CA ARG B 256 12.72 -15.40 6.38
C ARG B 256 13.04 -15.35 4.87
N LYS B 257 14.20 -14.83 4.49
CA LYS B 257 14.57 -14.72 3.08
C LYS B 257 14.73 -16.08 2.37
N ASP B 258 14.90 -17.20 3.12
CA ASP B 258 15.05 -18.56 2.60
C ASP B 258 13.73 -19.34 2.48
N SER B 259 12.61 -18.69 2.82
CA SER B 259 11.29 -19.32 2.81
C SER B 259 10.82 -19.76 1.42
N PRO B 260 10.27 -20.99 1.29
CA PRO B 260 9.74 -21.42 -0.01
C PRO B 260 8.29 -20.94 -0.28
N TRP B 261 7.70 -20.21 0.67
CA TRP B 261 6.32 -19.69 0.59
C TRP B 261 6.24 -18.24 0.07
N LYS B 262 7.40 -17.57 -0.06
CA LYS B 262 7.49 -16.15 -0.46
C LYS B 262 6.64 -15.75 -1.67
N GLN B 263 6.83 -16.42 -2.81
CA GLN B 263 6.14 -16.06 -4.06
C GLN B 263 4.62 -16.15 -3.94
N ASN B 264 4.12 -17.33 -3.47
CA ASN B 264 2.71 -17.64 -3.31
C ASN B 264 2.03 -16.89 -2.17
N VAL B 265 2.78 -16.47 -1.13
CA VAL B 265 2.17 -15.62 -0.09
C VAL B 265 1.73 -14.29 -0.79
N SER B 266 2.67 -13.62 -1.49
CA SER B 266 2.42 -12.37 -2.22
C SER B 266 1.34 -12.48 -3.31
N LEU B 267 1.33 -13.58 -4.12
CA LEU B 267 0.32 -13.79 -5.16
C LEU B 267 -1.06 -13.93 -4.54
N SER B 268 -1.17 -14.60 -3.37
CA SER B 268 -2.45 -14.76 -2.66
C SER B 268 -2.97 -13.41 -2.19
N ILE B 269 -2.07 -12.57 -1.65
CA ILE B 269 -2.40 -11.21 -1.19
C ILE B 269 -2.92 -10.37 -2.36
N LEU B 270 -2.19 -10.29 -3.49
CA LEU B 270 -2.58 -9.56 -4.67
C LEU B 270 -3.96 -10.00 -5.17
N LYS B 271 -4.15 -11.35 -5.26
CA LYS B 271 -5.40 -12.00 -5.63
C LYS B 271 -6.58 -11.52 -4.74
N SER B 272 -6.38 -11.49 -3.41
CA SER B 272 -7.33 -11.07 -2.38
C SER B 272 -7.73 -9.61 -2.44
N HIS B 273 -6.84 -8.73 -2.87
CA HIS B 273 -7.22 -7.33 -3.03
C HIS B 273 -8.11 -7.25 -4.28
N GLU B 274 -7.68 -7.94 -5.36
CA GLU B 274 -8.34 -7.92 -6.67
C GLU B 274 -9.75 -8.49 -6.70
N ASN B 275 -10.03 -9.61 -5.97
CA ASN B 275 -11.33 -10.29 -5.98
C ASN B 275 -12.31 -9.80 -4.87
N GLY B 276 -11.87 -8.85 -4.06
CA GLY B 276 -12.71 -8.26 -3.03
C GLY B 276 -12.58 -8.83 -1.64
N PHE B 277 -11.83 -9.94 -1.48
CA PHE B 277 -11.65 -10.59 -0.18
C PHE B 277 -11.10 -9.61 0.87
N MET B 278 -10.12 -8.82 0.50
CA MET B 278 -9.62 -7.76 1.30
C MET B 278 -10.62 -6.67 1.68
N GLU B 279 -11.47 -6.28 0.75
CA GLU B 279 -12.58 -5.35 1.01
C GLU B 279 -13.59 -6.02 2.01
N ASP B 280 -13.93 -7.33 1.83
CA ASP B 280 -14.79 -8.09 2.76
C ASP B 280 -14.26 -8.02 4.21
N LEU B 281 -12.95 -8.27 4.41
CA LEU B 281 -12.28 -8.20 5.71
C LEU B 281 -12.44 -6.82 6.37
N ASP B 282 -12.27 -5.76 5.59
CA ASP B 282 -12.47 -4.40 6.05
C ASP B 282 -13.96 -4.16 6.43
N LYS B 283 -14.92 -4.73 5.66
CA LYS B 283 -16.34 -4.59 5.96
C LYS B 283 -16.69 -5.34 7.26
N THR B 284 -16.01 -6.46 7.50
CA THR B 284 -16.23 -7.28 8.68
C THR B 284 -15.59 -6.73 9.97
N TRP B 285 -14.31 -6.31 9.89
CA TRP B 285 -13.52 -5.96 11.07
C TRP B 285 -13.19 -4.52 11.28
N VAL B 286 -13.10 -3.72 10.20
CA VAL B 286 -12.62 -2.35 10.29
C VAL B 286 -13.72 -1.25 10.16
N ARG B 287 -14.60 -1.35 9.16
CA ARG B 287 -15.57 -0.29 8.91
C ARG B 287 -17.01 -0.66 9.28
N TYR B 288 -17.41 -0.16 10.46
CA TYR B 288 -18.74 -0.23 11.09
C TYR B 288 -18.79 0.71 12.31
N GLN B 289 -19.87 1.51 12.40
CA GLN B 289 -20.16 2.54 13.42
C GLN B 289 -19.27 3.77 13.35
#